data_5J6D
#
_entry.id   5J6D
#
_cell.length_a   58.726
_cell.length_b   63.561
_cell.length_c   156.468
_cell.angle_alpha   90.00
_cell.angle_beta   90.00
_cell.angle_gamma   90.00
#
_symmetry.space_group_name_H-M   'P 21 21 21'
#
loop_
_entity.id
_entity.type
_entity.pdbx_description
1 polymer 'Tryptophan 5-hydroxylase 1'
2 non-polymer 'FE (III) ION'
3 non-polymer 2-AMINO-2-HYDROXYMETHYL-PROPANE-1,3-DIOL
4 non-polymer GLYCEROL
5 non-polymer 4-[(N-{[2-(3-methoxyphenoxy)-6-(piperidin-1-yl)phenyl]methyl}carbamimidoyl)carbamoyl]-L-phenylalanine
6 water water
#
_entity_poly.entity_id   1
_entity_poly.type   'polypeptide(L)'
_entity_poly.pdbx_seq_one_letter_code
;METVPWFPKKISDLDHCANRVLMYGSELDADHPGFKDNVYRKRRKYFADLAMNYKHGDPIPKVEFTEEEIKTWGTVFQEL
NKLYPTHACREYLKNLPLLSKYCGYREDNIPQLEDVSNFLKERTGFSIRPVAGYLSPRDFLSGLAFRVFHCTQYVRHSSD
PFYTPEPDTCHELLGHVPLLAEPSFAQFSQEIGLASLGASEEAVQKLATCYFFTVEFGLCKQDGQLRVFGAGLLSSISEL
KHALSGHAKVKPFDPKITCKQECLITTFQDVYFVSESFEDAKEKMREFTKTIKRPFGVKYNHHHHHH
;
_entity_poly.pdbx_strand_id   A,B
#
# COMPACT_ATOMS: atom_id res chain seq x y z
N MET A 1 10.17 13.66 7.97
CA MET A 1 10.47 13.53 6.52
C MET A 1 9.19 13.22 5.70
N GLU A 2 8.68 14.24 5.00
CA GLU A 2 7.43 14.13 4.22
C GLU A 2 7.75 13.84 2.76
N THR A 3 7.24 12.70 2.26
CA THR A 3 7.39 12.29 0.86
C THR A 3 5.99 11.99 0.29
N VAL A 4 5.82 12.04 -1.04
CA VAL A 4 4.57 11.63 -1.68
C VAL A 4 4.56 10.09 -1.66
N PRO A 5 3.45 9.49 -1.21
CA PRO A 5 3.43 8.02 -1.18
C PRO A 5 3.47 7.42 -2.60
N TRP A 6 4.08 6.26 -2.74
CA TRP A 6 4.08 5.54 -4.01
C TRP A 6 2.63 5.38 -4.49
N PHE A 7 2.40 5.58 -5.79
CA PHE A 7 1.09 5.30 -6.40
C PHE A 7 1.27 4.60 -7.74
N PRO A 8 0.31 3.72 -8.11
CA PRO A 8 0.41 3.01 -9.37
C PRO A 8 0.32 3.96 -10.55
N LYS A 9 1.12 3.67 -11.56
CA LYS A 9 1.22 4.53 -12.77
C LYS A 9 0.63 3.87 -14.02
N LYS A 10 0.26 2.61 -13.90
CA LYS A 10 -0.38 1.86 -14.98
C LYS A 10 -1.07 0.66 -14.33
N ILE A 11 -1.97 0.05 -15.07
CA ILE A 11 -2.81 -1.03 -14.53
C ILE A 11 -2.01 -2.20 -13.92
N SER A 12 -0.91 -2.62 -14.56
CA SER A 12 -0.10 -3.72 -14.05
C SER A 12 0.58 -3.41 -12.70
N ASP A 13 0.77 -2.12 -12.37
CA ASP A 13 1.34 -1.70 -11.09
C ASP A 13 0.48 -2.08 -9.90
N LEU A 14 -0.79 -2.40 -10.12
CA LEU A 14 -1.63 -2.88 -9.02
C LEU A 14 -1.11 -4.24 -8.47
N ASP A 15 -0.28 -4.96 -9.23
CA ASP A 15 0.44 -6.12 -8.71
C ASP A 15 1.19 -5.72 -7.41
N HIS A 16 1.61 -4.46 -7.30
CA HIS A 16 2.44 -4.05 -6.15
C HIS A 16 1.64 -3.50 -4.98
N CYS A 17 0.30 -3.51 -5.05
CA CYS A 17 -0.53 -3.27 -3.88
C CYS A 17 -1.63 -4.30 -3.58
N ALA A 18 -2.00 -5.16 -4.53
CA ALA A 18 -3.11 -6.10 -4.32
C ALA A 18 -2.86 -7.11 -3.20
N ASN A 19 -1.60 -7.39 -2.89
CA ASN A 19 -1.26 -8.33 -1.77
C ASN A 19 -1.00 -7.64 -0.43
N ARG A 20 -1.22 -6.33 -0.36
CA ARG A 20 -1.10 -5.59 0.92
C ARG A 20 -2.39 -5.65 1.71
N VAL A 21 -2.77 -6.87 2.06
CA VAL A 21 -4.07 -7.15 2.63
C VAL A 21 -4.00 -6.98 4.15
N LEU A 22 -4.97 -6.28 4.71
CA LEU A 22 -5.08 -6.01 6.14
C LEU A 22 -5.58 -7.30 6.83
N MET A 23 -4.86 -7.74 7.82
CA MET A 23 -5.18 -8.99 8.49
C MET A 23 -5.68 -8.91 9.91
N TYR A 24 -6.53 -9.87 10.23
CA TYR A 24 -7.09 -9.96 11.57
C TYR A 24 -5.97 -10.32 12.48
N GLY A 25 -5.89 -9.64 13.60
CA GLY A 25 -4.82 -9.90 14.53
C GLY A 25 -3.59 -9.08 14.24
N SER A 26 -3.63 -8.28 13.18
CA SER A 26 -2.51 -7.44 12.80
C SER A 26 -2.99 -6.02 12.58
N GLU A 27 -3.34 -5.67 11.36
CA GLU A 27 -3.81 -4.35 11.04
C GLU A 27 -5.25 -4.18 11.49
N LEU A 28 -5.99 -5.25 11.51
CA LEU A 28 -7.40 -5.22 11.89
C LEU A 28 -7.57 -5.81 13.30
N ASP A 29 -8.14 -5.00 14.18
CA ASP A 29 -8.38 -5.39 15.57
C ASP A 29 -9.80 -5.93 15.63
N ALA A 30 -9.94 -7.18 15.21
CA ALA A 30 -11.23 -7.84 15.16
C ALA A 30 -11.05 -9.35 14.94
N ASP A 31 -12.08 -10.10 15.31
CA ASP A 31 -12.08 -11.56 15.15
C ASP A 31 -12.44 -11.93 13.72
N HIS A 32 -11.78 -12.97 13.21
CA HIS A 32 -12.14 -13.58 11.93
C HIS A 32 -13.56 -14.20 12.09
N PRO A 33 -14.47 -13.98 11.10
CA PRO A 33 -15.91 -14.35 11.29
C PRO A 33 -16.28 -15.85 11.40
N GLY A 34 -15.41 -16.74 10.95
CA GLY A 34 -15.55 -18.17 11.27
C GLY A 34 -14.26 -18.72 11.85
N PHE A 35 -13.56 -17.90 12.65
CA PHE A 35 -12.26 -18.24 13.25
C PHE A 35 -12.21 -19.62 13.90
N LYS A 36 -13.20 -19.92 14.73
CA LYS A 36 -13.28 -21.18 15.48
C LYS A 36 -13.82 -22.39 14.69
N ASP A 37 -14.17 -22.17 13.42
CA ASP A 37 -14.60 -23.23 12.52
C ASP A 37 -13.39 -23.61 11.66
N ASN A 38 -12.68 -24.67 12.07
CA ASN A 38 -11.47 -25.13 11.38
C ASN A 38 -11.68 -25.39 9.87
N VAL A 39 -12.84 -25.92 9.52
CA VAL A 39 -13.15 -26.20 8.12
C VAL A 39 -13.30 -24.88 7.33
N TYR A 40 -14.06 -23.92 7.86
CA TYR A 40 -14.15 -22.60 7.23
C TYR A 40 -12.79 -21.92 7.10
N ARG A 41 -11.98 -21.95 8.16
CA ARG A 41 -10.64 -21.38 8.16
C ARG A 41 -9.73 -21.95 7.06
N LYS A 42 -9.74 -23.28 6.91
CA LYS A 42 -8.94 -23.95 5.87
C LYS A 42 -9.40 -23.49 4.48
N ARG A 43 -10.71 -23.47 4.27
CA ARG A 43 -11.28 -23.04 3.01
C ARG A 43 -10.91 -21.58 2.68
N ARG A 44 -10.89 -20.73 3.70
CA ARG A 44 -10.51 -19.32 3.53
C ARG A 44 -9.05 -19.13 3.13
N LYS A 45 -8.16 -19.98 3.64
CA LYS A 45 -6.77 -20.01 3.18
C LYS A 45 -6.64 -20.36 1.71
N TYR A 46 -7.44 -21.32 1.22
CA TYR A 46 -7.47 -21.67 -0.19
C TYR A 46 -7.79 -20.43 -1.06
N PHE A 47 -8.85 -19.72 -0.71
CA PHE A 47 -9.21 -18.48 -1.42
C PHE A 47 -8.11 -17.40 -1.33
N ALA A 48 -7.55 -17.18 -0.13
CA ALA A 48 -6.48 -16.16 0.03
C ALA A 48 -5.28 -16.43 -0.89
N ASP A 49 -4.83 -17.70 -0.95
CA ASP A 49 -3.70 -18.07 -1.82
C ASP A 49 -4.02 -17.88 -3.32
N LEU A 50 -5.23 -18.19 -3.75
CA LEU A 50 -5.61 -17.88 -5.15
C LEU A 50 -5.40 -16.38 -5.48
N ALA A 51 -5.84 -15.50 -4.56
CA ALA A 51 -5.67 -14.05 -4.74
C ALA A 51 -4.22 -13.58 -4.68
N MET A 52 -3.48 -14.11 -3.73
CA MET A 52 -2.09 -13.71 -3.54
C MET A 52 -1.23 -14.13 -4.73
N ASN A 53 -1.54 -15.27 -5.33
CA ASN A 53 -0.79 -15.76 -6.48
C ASN A 53 -1.17 -15.13 -7.83
N TYR A 54 -2.29 -14.39 -7.87
CA TYR A 54 -2.74 -13.77 -9.08
C TYR A 54 -1.81 -12.59 -9.48
N LYS A 55 -1.64 -12.42 -10.79
CA LYS A 55 -0.87 -11.32 -11.38
C LYS A 55 -1.63 -10.76 -12.57
N HIS A 56 -1.54 -9.45 -12.77
CA HIS A 56 -2.21 -8.79 -13.87
C HIS A 56 -1.92 -9.52 -15.20
N GLY A 57 -2.97 -9.76 -15.97
CA GLY A 57 -2.89 -10.51 -17.22
C GLY A 57 -3.30 -11.98 -17.09
N ASP A 58 -3.27 -12.56 -15.89
CA ASP A 58 -3.78 -13.92 -15.67
C ASP A 58 -5.31 -13.96 -15.88
N PRO A 59 -5.82 -15.10 -16.40
CA PRO A 59 -7.29 -15.33 -16.20
C PRO A 59 -7.53 -15.47 -14.71
N ILE A 60 -8.67 -15.00 -14.21
CA ILE A 60 -8.96 -15.14 -12.81
C ILE A 60 -9.31 -16.62 -12.56
N PRO A 61 -8.64 -17.28 -11.61
CA PRO A 61 -8.93 -18.70 -11.36
C PRO A 61 -10.42 -18.98 -11.09
N LYS A 62 -10.92 -20.01 -11.75
CA LYS A 62 -12.26 -20.49 -11.60
C LYS A 62 -12.25 -21.44 -10.41
N VAL A 63 -13.27 -21.33 -9.57
CA VAL A 63 -13.34 -22.09 -8.34
C VAL A 63 -14.56 -23.04 -8.39
N GLU A 64 -14.33 -24.28 -7.94
CA GLU A 64 -15.44 -25.20 -7.68
C GLU A 64 -15.96 -24.95 -6.28
N PHE A 65 -17.10 -24.30 -6.19
CA PHE A 65 -17.66 -23.94 -4.90
C PHE A 65 -18.25 -25.19 -4.26
N THR A 66 -18.22 -25.26 -2.92
CA THR A 66 -18.82 -26.38 -2.20
C THR A 66 -20.34 -26.28 -2.23
N GLU A 67 -21.00 -27.36 -1.89
CA GLU A 67 -22.47 -27.38 -1.85
C GLU A 67 -23.02 -26.36 -0.84
N GLU A 68 -22.35 -26.24 0.30
CA GLU A 68 -22.73 -25.29 1.35
C GLU A 68 -22.60 -23.84 0.83
N GLU A 69 -21.45 -23.55 0.20
CA GLU A 69 -21.19 -22.22 -0.38
C GLU A 69 -22.28 -21.87 -1.38
N ILE A 70 -22.60 -22.83 -2.26
CA ILE A 70 -23.65 -22.59 -3.27
C ILE A 70 -25.02 -22.33 -2.60
N LYS A 71 -25.30 -23.06 -1.52
CA LYS A 71 -26.57 -22.89 -0.79
C LYS A 71 -26.66 -21.52 -0.14
N THR A 72 -25.57 -21.08 0.48
CA THR A 72 -25.51 -19.75 1.08
C THR A 72 -25.78 -18.71 0.00
N TRP A 73 -25.10 -18.84 -1.14
CA TRP A 73 -25.37 -17.98 -2.28
C TRP A 73 -26.83 -17.99 -2.67
N GLY A 74 -27.41 -19.19 -2.81
CA GLY A 74 -28.82 -19.30 -3.21
C GLY A 74 -29.76 -18.62 -2.22
N THR A 75 -29.54 -18.83 -0.93
CA THR A 75 -30.36 -18.18 0.08
C THR A 75 -30.28 -16.64 -0.09
N VAL A 76 -29.04 -16.13 -0.17
CA VAL A 76 -28.80 -14.69 -0.34
C VAL A 76 -29.44 -14.16 -1.64
N PHE A 77 -29.19 -14.84 -2.74
CA PHE A 77 -29.70 -14.45 -4.05
C PHE A 77 -31.24 -14.44 -4.13
N GLN A 78 -31.84 -15.52 -3.66
CA GLN A 78 -33.31 -15.63 -3.63
C GLN A 78 -33.99 -14.53 -2.79
N GLU A 79 -33.54 -14.33 -1.55
CA GLU A 79 -34.19 -13.35 -0.67
C GLU A 79 -33.93 -11.91 -1.08
N LEU A 80 -32.71 -11.61 -1.55
CA LEU A 80 -32.42 -10.27 -2.08
C LEU A 80 -33.23 -9.94 -3.31
N ASN A 81 -33.42 -10.90 -4.21
CA ASN A 81 -34.25 -10.65 -5.42
C ASN A 81 -35.74 -10.40 -5.12
N LYS A 82 -36.22 -10.87 -3.97
CA LYS A 82 -37.58 -10.53 -3.52
C LYS A 82 -37.66 -9.08 -3.06
N LEU A 83 -36.53 -8.52 -2.63
CA LEU A 83 -36.48 -7.13 -2.17
C LEU A 83 -36.13 -6.13 -3.25
N TYR A 84 -35.27 -6.49 -4.21
CA TYR A 84 -34.78 -5.49 -5.18
C TYR A 84 -35.83 -4.64 -5.89
N PRO A 85 -36.92 -5.25 -6.40
CA PRO A 85 -37.89 -4.44 -7.15
C PRO A 85 -38.44 -3.24 -6.36
N THR A 86 -38.59 -3.39 -5.04
CA THR A 86 -39.06 -2.29 -4.19
C THR A 86 -37.96 -1.47 -3.52
N HIS A 87 -36.74 -2.01 -3.41
CA HIS A 87 -35.65 -1.33 -2.68
C HIS A 87 -34.53 -0.73 -3.56
N ALA A 88 -34.22 -1.39 -4.68
CA ALA A 88 -33.03 -1.05 -5.48
C ALA A 88 -33.31 0.12 -6.38
N CYS A 89 -32.28 0.95 -6.58
CA CYS A 89 -32.39 2.02 -7.56
C CYS A 89 -32.61 1.45 -8.98
N ARG A 90 -33.12 2.30 -9.86
CA ARG A 90 -33.46 1.96 -11.23
C ARG A 90 -32.27 1.39 -12.01
N GLU A 91 -31.10 2.02 -11.80
CA GLU A 91 -29.92 1.67 -12.59
C GLU A 91 -29.48 0.26 -12.22
N TYR A 92 -29.65 -0.11 -10.95
CA TYR A 92 -29.36 -1.46 -10.49
C TYR A 92 -30.27 -2.49 -11.18
N LEU A 93 -31.57 -2.23 -11.16
CA LEU A 93 -32.56 -3.17 -11.73
C LEU A 93 -32.40 -3.36 -13.24
N LYS A 94 -31.98 -2.30 -13.93
CA LYS A 94 -31.76 -2.35 -15.37
CA LYS A 94 -31.76 -2.35 -15.37
C LYS A 94 -30.66 -3.36 -15.73
N ASN A 95 -29.61 -3.41 -14.91
CA ASN A 95 -28.41 -4.21 -15.22
C ASN A 95 -28.45 -5.64 -14.73
N LEU A 96 -29.24 -5.92 -13.70
CA LEU A 96 -29.30 -7.26 -13.11
C LEU A 96 -29.67 -8.39 -14.10
N PRO A 97 -30.65 -8.17 -14.99
CA PRO A 97 -31.02 -9.19 -15.99
C PRO A 97 -29.89 -9.60 -16.93
N LEU A 98 -29.14 -8.61 -17.40
CA LEU A 98 -27.96 -8.86 -18.24
C LEU A 98 -26.95 -9.82 -17.59
N LEU A 99 -26.70 -9.66 -16.29
CA LEU A 99 -25.79 -10.56 -15.56
C LEU A 99 -26.31 -11.97 -15.41
N SER A 100 -27.61 -12.10 -15.16
CA SER A 100 -28.28 -13.40 -15.23
C SER A 100 -28.13 -14.04 -16.63
N LYS A 101 -28.33 -13.27 -17.68
CA LYS A 101 -28.18 -13.82 -19.03
C LYS A 101 -26.72 -14.21 -19.35
N TYR A 102 -25.77 -13.32 -19.07
CA TYR A 102 -24.41 -13.48 -19.60
C TYR A 102 -23.41 -14.10 -18.64
N CYS A 103 -23.61 -13.95 -17.33
CA CYS A 103 -22.62 -14.35 -16.33
C CYS A 103 -23.06 -15.45 -15.37
N GLY A 104 -24.20 -16.08 -15.65
CA GLY A 104 -24.68 -17.17 -14.81
C GLY A 104 -25.15 -16.85 -13.42
N TYR A 105 -25.73 -15.67 -13.24
CA TYR A 105 -26.37 -15.34 -11.97
C TYR A 105 -27.67 -16.17 -11.86
N ARG A 106 -27.66 -17.20 -11.01
CA ARG A 106 -28.79 -18.11 -10.76
C ARG A 106 -28.73 -18.58 -9.33
N GLU A 107 -29.83 -19.14 -8.84
CA GLU A 107 -29.90 -19.61 -7.47
C GLU A 107 -28.95 -20.76 -7.20
N ASP A 108 -28.74 -21.59 -8.20
CA ASP A 108 -27.92 -22.78 -8.03
C ASP A 108 -26.48 -22.67 -8.58
N ASN A 109 -26.02 -21.45 -8.87
CA ASN A 109 -24.72 -21.20 -9.51
C ASN A 109 -24.11 -19.86 -9.08
N ILE A 110 -22.94 -19.93 -8.47
CA ILE A 110 -22.15 -18.73 -8.14
C ILE A 110 -21.37 -18.28 -9.38
N PRO A 111 -21.66 -17.09 -9.89
CA PRO A 111 -20.91 -16.57 -11.03
C PRO A 111 -19.39 -16.54 -10.78
N GLN A 112 -18.63 -16.84 -11.82
CA GLN A 112 -17.17 -16.81 -11.72
C GLN A 112 -16.61 -15.39 -11.98
N LEU A 113 -15.64 -14.97 -11.19
CA LEU A 113 -15.08 -13.61 -11.35
C LEU A 113 -14.54 -13.38 -12.76
N GLU A 114 -13.90 -14.38 -13.37
CA GLU A 114 -13.43 -14.22 -14.77
C GLU A 114 -14.54 -13.82 -15.76
N ASP A 115 -15.71 -14.45 -15.64
CA ASP A 115 -16.83 -14.14 -16.54
C ASP A 115 -17.37 -12.73 -16.32
N VAL A 116 -17.54 -12.37 -15.06
CA VAL A 116 -18.02 -11.03 -14.68
C VAL A 116 -17.01 -9.96 -15.13
N SER A 117 -15.73 -10.23 -14.93
CA SER A 117 -14.68 -9.33 -15.42
C SER A 117 -14.77 -9.09 -16.92
N ASN A 118 -14.95 -10.16 -17.69
CA ASN A 118 -15.11 -10.00 -19.15
C ASN A 118 -16.33 -9.21 -19.55
N PHE A 119 -17.45 -9.43 -18.84
CA PHE A 119 -18.68 -8.66 -19.04
C PHE A 119 -18.48 -7.16 -18.76
N LEU A 120 -17.86 -6.85 -17.63
CA LEU A 120 -17.60 -5.46 -17.26
C LEU A 120 -16.66 -4.77 -18.23
N LYS A 121 -15.64 -5.49 -18.71
CA LYS A 121 -14.70 -4.90 -19.67
C LYS A 121 -15.45 -4.41 -20.92
N GLU A 122 -16.36 -5.23 -21.43
CA GLU A 122 -17.18 -4.84 -22.60
C GLU A 122 -18.13 -3.67 -22.33
N ARG A 123 -18.79 -3.65 -21.16
CA ARG A 123 -19.79 -2.62 -20.82
C ARG A 123 -19.21 -1.26 -20.47
N THR A 124 -18.25 -1.22 -19.53
CA THR A 124 -17.74 0.06 -19.04
C THR A 124 -16.23 0.11 -18.98
N GLY A 125 -15.54 -0.93 -19.45
CA GLY A 125 -14.10 -1.03 -19.27
C GLY A 125 -13.62 -1.34 -17.86
N PHE A 126 -14.54 -1.65 -16.93
CA PHE A 126 -14.18 -2.12 -15.62
C PHE A 126 -13.70 -3.56 -15.72
N SER A 127 -12.77 -3.89 -14.83
CA SER A 127 -12.30 -5.25 -14.71
C SER A 127 -12.15 -5.61 -13.23
N ILE A 128 -12.00 -6.90 -12.99
CA ILE A 128 -11.86 -7.42 -11.64
C ILE A 128 -10.46 -7.99 -11.44
N ARG A 129 -9.91 -7.82 -10.24
CA ARG A 129 -8.88 -8.74 -9.78
C ARG A 129 -9.25 -9.30 -8.42
N PRO A 130 -8.93 -10.58 -8.22
CA PRO A 130 -9.27 -11.18 -6.95
C PRO A 130 -8.37 -10.59 -5.86
N VAL A 131 -8.87 -10.50 -4.65
CA VAL A 131 -8.13 -9.95 -3.52
C VAL A 131 -8.46 -10.77 -2.28
N ALA A 132 -7.47 -10.92 -1.40
CA ALA A 132 -7.58 -11.83 -0.26
C ALA A 132 -8.46 -11.28 0.83
N GLY A 133 -8.63 -9.96 0.89
CA GLY A 133 -9.43 -9.34 1.93
C GLY A 133 -9.40 -7.83 1.72
N TYR A 134 -9.55 -7.06 2.79
CA TYR A 134 -9.45 -5.61 2.68
C TYR A 134 -8.02 -5.18 2.29
N LEU A 135 -7.94 -4.14 1.48
CA LEU A 135 -6.76 -3.34 1.30
C LEU A 135 -6.94 -2.01 2.04
N SER A 136 -5.86 -1.24 2.19
CA SER A 136 -5.97 0.15 2.67
C SER A 136 -6.92 0.97 1.80
N PRO A 137 -7.61 1.98 2.39
CA PRO A 137 -8.38 2.87 1.52
C PRO A 137 -7.57 3.38 0.32
N ARG A 138 -6.33 3.82 0.55
CA ARG A 138 -5.49 4.30 -0.54
C ARG A 138 -5.32 3.26 -1.66
N ASP A 139 -4.96 2.02 -1.30
CA ASP A 139 -4.77 0.97 -2.28
C ASP A 139 -6.06 0.60 -3.03
N PHE A 140 -7.16 0.45 -2.30
CA PHE A 140 -8.42 0.06 -2.93
C PHE A 140 -8.85 1.13 -3.95
N LEU A 141 -8.83 2.38 -3.53
CA LEU A 141 -9.19 3.48 -4.40
C LEU A 141 -8.23 3.60 -5.57
N SER A 142 -6.93 3.32 -5.36
CA SER A 142 -6.01 3.37 -6.50
C SER A 142 -6.43 2.43 -7.64
N GLY A 143 -6.97 1.24 -7.33
CA GLY A 143 -7.48 0.36 -8.37
C GLY A 143 -8.55 0.98 -9.25
N LEU A 144 -9.42 1.75 -8.62
CA LEU A 144 -10.56 2.37 -9.30
C LEU A 144 -10.08 3.36 -10.34
N ALA A 145 -8.91 3.95 -10.12
CA ALA A 145 -8.35 4.86 -11.11
C ALA A 145 -8.08 4.20 -12.45
N PHE A 146 -7.86 2.89 -12.45
CA PHE A 146 -7.68 2.10 -13.66
C PHE A 146 -8.90 1.29 -14.01
N ARG A 147 -10.05 1.67 -13.44
CA ARG A 147 -11.24 0.86 -13.49
C ARG A 147 -11.01 -0.61 -13.13
N VAL A 148 -10.23 -0.84 -12.08
CA VAL A 148 -10.06 -2.19 -11.52
C VAL A 148 -10.75 -2.23 -10.17
N PHE A 149 -11.67 -3.18 -10.02
CA PHE A 149 -12.33 -3.42 -8.76
C PHE A 149 -11.78 -4.69 -8.12
N HIS A 150 -11.09 -4.54 -6.98
CA HIS A 150 -10.60 -5.69 -6.21
C HIS A 150 -11.76 -6.41 -5.55
N CYS A 151 -11.91 -7.71 -5.82
CA CYS A 151 -13.06 -8.53 -5.39
C CYS A 151 -12.63 -9.72 -4.54
N THR A 152 -13.28 -9.90 -3.38
CA THR A 152 -13.17 -11.18 -2.65
C THR A 152 -13.89 -12.30 -3.44
N GLN A 153 -13.39 -13.53 -3.26
CA GLN A 153 -13.86 -14.68 -3.98
C GLN A 153 -14.53 -15.75 -3.11
N TYR A 154 -14.25 -15.70 -1.80
CA TYR A 154 -14.87 -16.60 -0.82
C TYR A 154 -16.33 -16.21 -0.49
N VAL A 155 -17.08 -17.16 0.08
CA VAL A 155 -18.47 -16.93 0.44
C VAL A 155 -18.54 -16.76 1.98
N ARG A 156 -19.42 -15.86 2.42
CA ARG A 156 -19.63 -15.60 3.86
C ARG A 156 -20.01 -16.90 4.58
N HIS A 157 -19.71 -16.97 5.88
CA HIS A 157 -19.98 -18.15 6.70
C HIS A 157 -21.50 -18.41 6.76
N SER A 158 -21.90 -19.68 6.73
CA SER A 158 -23.34 -20.02 6.66
C SER A 158 -24.11 -19.65 7.94
N SER A 159 -23.41 -19.38 9.04
CA SER A 159 -24.05 -19.04 10.30
C SER A 159 -24.80 -17.71 10.30
N ASP A 160 -24.54 -16.81 9.34
CA ASP A 160 -25.46 -15.69 9.08
C ASP A 160 -25.47 -15.23 7.63
N PRO A 161 -26.37 -15.80 6.81
CA PRO A 161 -26.48 -15.35 5.42
C PRO A 161 -27.00 -13.91 5.28
N PHE A 162 -27.75 -13.42 6.26
CA PHE A 162 -28.47 -12.14 6.13
C PHE A 162 -27.63 -10.88 6.32
N TYR A 163 -26.50 -11.01 7.02
CA TYR A 163 -25.58 -9.89 7.20
C TYR A 163 -24.24 -10.46 7.62
N THR A 164 -23.17 -9.92 7.04
CA THR A 164 -21.81 -10.27 7.44
C THR A 164 -21.02 -8.99 7.70
N PRO A 165 -20.19 -8.98 8.77
CA PRO A 165 -19.40 -7.78 9.07
C PRO A 165 -18.17 -7.60 8.14
N GLU A 166 -17.92 -8.58 7.28
CA GLU A 166 -16.78 -8.62 6.39
C GLU A 166 -17.29 -8.75 4.95
N PRO A 167 -16.70 -8.04 3.96
CA PRO A 167 -17.11 -8.35 2.59
C PRO A 167 -16.84 -9.81 2.15
N ASP A 168 -17.70 -10.34 1.28
CA ASP A 168 -17.49 -11.63 0.64
C ASP A 168 -17.87 -11.53 -0.84
N THR A 169 -17.81 -12.62 -1.56
CA THR A 169 -18.07 -12.58 -2.99
C THR A 169 -19.55 -12.34 -3.32
N CYS A 170 -20.47 -12.75 -2.44
CA CYS A 170 -21.89 -12.36 -2.62
C CYS A 170 -22.01 -10.84 -2.66
N HIS A 171 -21.30 -10.18 -1.76
CA HIS A 171 -21.32 -8.73 -1.70
C HIS A 171 -20.73 -8.10 -2.97
N GLU A 172 -19.62 -8.65 -3.44
CA GLU A 172 -19.03 -8.10 -4.68
C GLU A 172 -19.99 -8.24 -5.85
N LEU A 173 -20.50 -9.45 -6.03
CA LEU A 173 -21.28 -9.80 -7.23
C LEU A 173 -22.69 -9.22 -7.27
N LEU A 174 -23.34 -9.17 -6.11
CA LEU A 174 -24.71 -8.64 -6.05
C LEU A 174 -24.73 -7.18 -5.61
N GLY A 175 -23.77 -6.76 -4.80
CA GLY A 175 -23.72 -5.36 -4.37
C GLY A 175 -23.08 -4.42 -5.35
N HIS A 176 -21.82 -4.73 -5.74
CA HIS A 176 -21.06 -3.85 -6.61
C HIS A 176 -21.25 -3.99 -8.14
N VAL A 177 -21.23 -5.22 -8.61
CA VAL A 177 -21.08 -5.46 -10.04
C VAL A 177 -22.20 -4.86 -10.92
N PRO A 178 -23.46 -4.97 -10.48
CA PRO A 178 -24.49 -4.46 -11.39
C PRO A 178 -24.41 -2.94 -11.66
N LEU A 179 -23.90 -2.16 -10.71
CA LEU A 179 -23.73 -0.73 -10.91
C LEU A 179 -22.39 -0.41 -11.58
N LEU A 180 -21.36 -1.26 -11.40
CA LEU A 180 -20.11 -1.09 -12.17
C LEU A 180 -20.39 -1.22 -13.67
N ALA A 181 -21.49 -1.91 -14.01
CA ALA A 181 -21.94 -2.07 -15.39
C ALA A 181 -22.69 -0.87 -15.99
N GLU A 182 -22.97 0.14 -15.18
CA GLU A 182 -23.63 1.38 -15.61
C GLU A 182 -22.60 2.47 -15.87
N PRO A 183 -22.54 3.03 -17.10
CA PRO A 183 -21.49 4.04 -17.41
C PRO A 183 -21.38 5.24 -16.46
N SER A 184 -22.50 5.84 -16.04
CA SER A 184 -22.40 6.97 -15.12
C SER A 184 -21.79 6.59 -13.77
N PHE A 185 -22.16 5.42 -13.27
CA PHE A 185 -21.62 4.95 -11.99
C PHE A 185 -20.14 4.56 -12.10
N ALA A 186 -19.78 3.88 -13.18
CA ALA A 186 -18.38 3.53 -13.46
C ALA A 186 -17.50 4.78 -13.53
N GLN A 187 -18.01 5.83 -14.16
CA GLN A 187 -17.32 7.11 -14.22
C GLN A 187 -17.17 7.72 -12.84
N PHE A 188 -18.27 7.72 -12.08
CA PHE A 188 -18.28 8.23 -10.70
C PHE A 188 -17.22 7.55 -9.86
N SER A 189 -17.17 6.23 -9.93
CA SER A 189 -16.21 5.45 -9.16
C SER A 189 -14.75 5.71 -9.60
N GLN A 190 -14.50 5.72 -10.92
CA GLN A 190 -13.17 6.03 -11.38
C GLN A 190 -12.68 7.37 -10.91
N GLU A 191 -13.57 8.35 -10.91
CA GLU A 191 -13.17 9.68 -10.50
C GLU A 191 -12.76 9.78 -9.04
N ILE A 192 -13.36 8.96 -8.19
CA ILE A 192 -12.89 8.88 -6.78
C ILE A 192 -11.44 8.34 -6.78
N GLY A 193 -11.18 7.29 -7.54
CA GLY A 193 -9.85 6.71 -7.61
C GLY A 193 -8.83 7.68 -8.17
N LEU A 194 -9.18 8.34 -9.28
CA LEU A 194 -8.25 9.31 -9.89
C LEU A 194 -7.86 10.40 -8.92
N ALA A 195 -8.85 10.94 -8.19
CA ALA A 195 -8.56 11.98 -7.18
C ALA A 195 -7.65 11.49 -6.05
N SER A 196 -7.73 10.19 -5.72
CA SER A 196 -6.92 9.61 -4.64
C SER A 196 -5.43 9.46 -4.95
N LEU A 197 -5.05 9.35 -6.22
CA LEU A 197 -3.72 8.88 -6.61
C LEU A 197 -2.66 9.86 -6.20
N GLY A 198 -1.78 9.42 -5.31
CA GLY A 198 -0.76 10.26 -4.71
C GLY A 198 -1.24 11.39 -3.81
N ALA A 199 -2.50 11.34 -3.38
CA ALA A 199 -3.04 12.41 -2.56
C ALA A 199 -2.52 12.30 -1.12
N SER A 200 -2.72 13.37 -0.37
CA SER A 200 -2.44 13.39 1.05
C SER A 200 -3.26 12.35 1.84
N GLU A 201 -2.73 11.93 2.99
CA GLU A 201 -3.49 11.06 3.92
C GLU A 201 -4.89 11.59 4.21
N GLU A 202 -4.99 12.91 4.38
CA GLU A 202 -6.27 13.54 4.72
C GLU A 202 -7.25 13.50 3.53
N ALA A 203 -6.74 13.79 2.36
CA ALA A 203 -7.55 13.74 1.16
C ALA A 203 -8.05 12.30 0.90
N VAL A 204 -7.17 11.32 1.07
CA VAL A 204 -7.55 9.89 0.93
C VAL A 204 -8.66 9.50 1.92
N GLN A 205 -8.49 9.86 3.18
CA GLN A 205 -9.51 9.60 4.20
C GLN A 205 -10.88 10.17 3.85
N LYS A 206 -10.90 11.41 3.39
CA LYS A 206 -12.12 12.07 2.97
C LYS A 206 -12.75 11.45 1.73
N LEU A 207 -11.93 11.10 0.72
CA LEU A 207 -12.42 10.42 -0.46
C LEU A 207 -13.01 9.04 -0.08
N ALA A 208 -12.33 8.34 0.82
CA ALA A 208 -12.77 7.01 1.28
C ALA A 208 -14.11 7.09 2.00
N THR A 209 -14.31 8.15 2.80
CA THR A 209 -15.58 8.32 3.53
C THR A 209 -16.69 8.67 2.59
N CYS A 210 -16.41 9.51 1.57
CA CYS A 210 -17.39 9.78 0.50
C CYS A 210 -17.79 8.53 -0.27
N TYR A 211 -16.79 7.73 -0.66
CA TYR A 211 -17.04 6.40 -1.25
C TYR A 211 -17.96 5.54 -0.35
N PHE A 212 -17.62 5.47 0.92
CA PHE A 212 -18.35 4.65 1.89
C PHE A 212 -19.85 5.03 1.92
N PHE A 213 -20.12 6.33 1.95
CA PHE A 213 -21.50 6.80 2.06
C PHE A 213 -22.21 6.98 0.72
N THR A 214 -21.56 6.58 -0.38
CA THR A 214 -22.20 6.55 -1.69
C THR A 214 -22.14 5.14 -2.26
N VAL A 215 -20.97 4.75 -2.76
CA VAL A 215 -20.80 3.44 -3.37
C VAL A 215 -21.12 2.31 -2.40
N GLU A 216 -20.71 2.43 -1.14
CA GLU A 216 -20.94 1.35 -0.20
C GLU A 216 -22.34 1.37 0.43
N PHE A 217 -22.80 2.55 0.86
CA PHE A 217 -24.04 2.63 1.70
C PHE A 217 -24.99 3.75 1.31
N GLY A 218 -24.90 4.20 0.05
CA GLY A 218 -25.68 5.33 -0.42
C GLY A 218 -27.15 5.01 -0.64
N LEU A 219 -27.99 6.01 -0.40
CA LEU A 219 -29.37 6.02 -0.83
C LEU A 219 -29.49 7.08 -1.89
N CYS A 220 -30.46 6.94 -2.79
CA CYS A 220 -30.76 8.01 -3.72
C CYS A 220 -32.26 8.32 -3.83
N LYS A 221 -32.54 9.55 -4.25
CA LYS A 221 -33.91 10.02 -4.55
C LYS A 221 -34.33 9.64 -5.97
N GLN A 222 -35.41 8.89 -6.11
CA GLN A 222 -35.95 8.56 -7.44
C GLN A 222 -37.49 8.68 -7.41
N ASP A 223 -38.04 9.57 -8.23
CA ASP A 223 -39.49 9.88 -8.27
C ASP A 223 -40.09 10.15 -6.88
N GLY A 224 -39.45 11.05 -6.13
CA GLY A 224 -39.89 11.44 -4.79
C GLY A 224 -39.78 10.40 -3.67
N GLN A 225 -39.07 9.30 -3.93
CA GLN A 225 -38.93 8.17 -2.99
C GLN A 225 -37.45 7.77 -2.85
N LEU A 226 -37.05 7.37 -1.63
CA LEU A 226 -35.71 6.85 -1.40
C LEU A 226 -35.55 5.43 -1.97
N ARG A 227 -34.46 5.21 -2.71
CA ARG A 227 -34.07 3.88 -3.18
C ARG A 227 -32.60 3.66 -2.80
N VAL A 228 -32.15 2.41 -2.91
CA VAL A 228 -30.81 2.01 -2.45
C VAL A 228 -29.84 1.86 -3.65
N PHE A 229 -28.64 2.41 -3.51
CA PHE A 229 -27.55 2.10 -4.48
C PHE A 229 -26.24 1.62 -3.83
N GLY A 230 -26.12 1.72 -2.49
CA GLY A 230 -24.95 1.24 -1.78
C GLY A 230 -24.81 -0.27 -1.86
N ALA A 231 -23.63 -0.74 -2.31
CA ALA A 231 -23.33 -2.16 -2.43
C ALA A 231 -23.41 -2.94 -1.11
N GLY A 232 -23.00 -2.33 -0.01
CA GLY A 232 -23.10 -2.97 1.31
C GLY A 232 -24.55 -3.22 1.79
N LEU A 233 -25.48 -2.43 1.29
CA LEU A 233 -26.93 -2.60 1.52
C LEU A 233 -27.50 -3.64 0.58
N LEU A 234 -27.15 -3.54 -0.71
CA LEU A 234 -27.70 -4.44 -1.72
C LEU A 234 -27.28 -5.92 -1.56
N SER A 235 -26.26 -6.21 -0.74
CA SER A 235 -25.90 -7.59 -0.45
C SER A 235 -26.31 -8.11 0.93
N SER A 236 -26.96 -7.29 1.74
CA SER A 236 -27.46 -7.70 3.08
C SER A 236 -29.02 -7.67 3.10
N ILE A 237 -29.61 -8.86 3.17
CA ILE A 237 -31.07 -9.00 3.29
C ILE A 237 -31.56 -8.17 4.48
N SER A 238 -30.82 -8.22 5.60
CA SER A 238 -31.27 -7.53 6.80
C SER A 238 -30.98 -6.02 6.75
N GLU A 239 -29.80 -5.57 6.29
CA GLU A 239 -29.59 -4.12 6.19
C GLU A 239 -30.31 -3.46 5.03
N LEU A 240 -30.61 -4.20 3.96
CA LEU A 240 -31.34 -3.58 2.85
C LEU A 240 -32.73 -3.13 3.33
N LYS A 241 -33.41 -4.02 4.06
CA LYS A 241 -34.74 -3.71 4.65
C LYS A 241 -34.63 -2.59 5.67
N HIS A 242 -33.62 -2.65 6.53
CA HIS A 242 -33.38 -1.61 7.50
C HIS A 242 -33.27 -0.20 6.90
N ALA A 243 -32.52 -0.08 5.80
CA ALA A 243 -32.25 1.23 5.20
C ALA A 243 -33.50 1.96 4.77
N LEU A 244 -34.51 1.21 4.35
CA LEU A 244 -35.78 1.79 3.90
C LEU A 244 -36.92 1.60 4.94
N SER A 245 -36.59 1.15 6.15
CA SER A 245 -37.59 0.87 7.18
C SER A 245 -38.08 2.15 7.88
N GLY A 246 -37.23 3.17 7.94
CA GLY A 246 -37.51 4.40 8.71
C GLY A 246 -36.86 4.35 10.08
N HIS A 247 -36.15 3.27 10.39
CA HIS A 247 -35.42 3.17 11.65
C HIS A 247 -34.07 3.92 11.67
N ALA A 248 -33.54 4.30 10.52
CA ALA A 248 -32.24 4.97 10.47
C ALA A 248 -32.36 6.45 10.11
N LYS A 249 -31.43 7.24 10.62
CA LYS A 249 -31.28 8.64 10.25
C LYS A 249 -30.74 8.77 8.80
N VAL A 250 -31.23 9.79 8.10
CA VAL A 250 -30.73 10.14 6.77
C VAL A 250 -30.35 11.62 6.75
N LYS A 251 -29.33 11.93 5.95
CA LYS A 251 -28.87 13.30 5.73
C LYS A 251 -28.65 13.49 4.24
N PRO A 252 -28.65 14.75 3.76
CA PRO A 252 -28.35 14.94 2.35
C PRO A 252 -26.88 14.67 2.08
N PHE A 253 -26.59 14.03 0.96
CA PHE A 253 -25.19 13.85 0.56
C PHE A 253 -24.56 15.22 0.24
N ASP A 254 -23.47 15.52 0.95
CA ASP A 254 -22.76 16.77 0.85
C ASP A 254 -21.33 16.53 1.26
N PRO A 255 -20.41 16.37 0.29
CA PRO A 255 -19.05 15.90 0.53
C PRO A 255 -18.33 16.54 1.71
N LYS A 256 -18.38 17.86 1.81
CA LYS A 256 -17.68 18.53 2.92
C LYS A 256 -18.24 18.15 4.32
N ILE A 257 -19.50 17.74 4.36
CA ILE A 257 -20.12 17.22 5.60
C ILE A 257 -19.97 15.69 5.70
N THR A 258 -20.38 15.00 4.66
CA THR A 258 -20.33 13.55 4.59
C THR A 258 -18.95 12.99 4.92
N CYS A 259 -17.89 13.65 4.46
CA CYS A 259 -16.52 13.16 4.69
C CYS A 259 -16.08 13.10 6.16
N LYS A 260 -16.83 13.75 7.05
CA LYS A 260 -16.57 13.73 8.51
C LYS A 260 -17.33 12.63 9.28
N GLN A 261 -18.30 11.99 8.65
CA GLN A 261 -19.13 11.00 9.34
C GLN A 261 -18.34 9.71 9.60
N GLU A 262 -18.49 9.13 10.79
CA GLU A 262 -17.82 7.86 11.10
C GLU A 262 -18.38 6.70 10.27
N CYS A 263 -17.48 5.93 9.66
CA CYS A 263 -17.85 4.73 8.91
C CYS A 263 -18.02 3.58 9.89
N LEU A 264 -19.21 3.03 10.04
CA LEU A 264 -19.38 1.94 11.01
C LEU A 264 -19.07 0.56 10.42
N ILE A 265 -18.28 -0.20 11.18
CA ILE A 265 -17.91 -1.54 10.82
C ILE A 265 -18.50 -2.46 11.88
N THR A 266 -19.06 -3.56 11.38
CA THR A 266 -19.63 -4.68 12.12
C THR A 266 -21.06 -4.46 12.60
N THR A 267 -21.68 -3.31 12.28
CA THR A 267 -23.09 -3.09 12.57
C THR A 267 -23.74 -2.42 11.38
N PHE A 268 -25.07 -2.37 11.38
CA PHE A 268 -25.78 -1.42 10.51
C PHE A 268 -25.19 -0.03 10.71
N GLN A 269 -25.28 0.80 9.67
CA GLN A 269 -24.91 2.20 9.81
C GLN A 269 -25.92 2.92 10.71
N ASP A 270 -25.42 3.97 11.38
CA ASP A 270 -26.28 4.88 12.17
C ASP A 270 -26.95 5.93 11.28
N VAL A 271 -26.38 6.18 10.10
CA VAL A 271 -26.79 7.27 9.23
C VAL A 271 -26.57 6.84 7.78
N TYR A 272 -27.53 7.12 6.90
CA TYR A 272 -27.34 7.05 5.45
C TYR A 272 -27.42 8.43 4.80
N PHE A 273 -26.65 8.60 3.74
CA PHE A 273 -26.68 9.83 2.96
C PHE A 273 -27.46 9.64 1.66
N VAL A 274 -28.22 10.66 1.29
CA VAL A 274 -29.09 10.60 0.13
C VAL A 274 -28.49 11.53 -0.91
N SER A 275 -28.15 10.92 -2.06
CA SER A 275 -27.74 11.63 -3.27
C SER A 275 -28.97 11.80 -4.13
N GLU A 276 -29.04 12.91 -4.86
CA GLU A 276 -30.14 13.15 -5.81
C GLU A 276 -30.12 12.20 -7.01
N SER A 277 -28.92 11.95 -7.54
CA SER A 277 -28.70 11.03 -8.66
C SER A 277 -27.20 10.78 -8.78
N PHE A 278 -26.81 9.86 -9.66
CA PHE A 278 -25.38 9.58 -9.90
C PHE A 278 -24.65 10.78 -10.49
N GLU A 279 -25.32 11.49 -11.40
CA GLU A 279 -24.72 12.66 -12.04
C GLU A 279 -24.45 13.77 -11.02
N ASP A 280 -25.40 13.98 -10.11
CA ASP A 280 -25.27 15.01 -9.09
C ASP A 280 -24.22 14.68 -8.03
N ALA A 281 -24.18 13.43 -7.59
CA ALA A 281 -23.12 13.02 -6.66
C ALA A 281 -21.75 13.20 -7.34
N LYS A 282 -21.66 12.85 -8.62
CA LYS A 282 -20.44 13.00 -9.40
C LYS A 282 -20.08 14.49 -9.50
N GLU A 283 -21.06 15.35 -9.77
CA GLU A 283 -20.79 16.81 -9.80
C GLU A 283 -20.36 17.38 -8.48
N LYS A 284 -21.04 16.97 -7.41
CA LYS A 284 -20.64 17.38 -6.05
C LYS A 284 -19.24 16.93 -5.72
N MET A 285 -18.89 15.68 -6.11
CA MET A 285 -17.54 15.21 -5.89
C MET A 285 -16.52 16.02 -6.69
N ARG A 286 -16.87 16.38 -7.92
CA ARG A 286 -15.94 17.22 -8.70
C ARG A 286 -15.64 18.55 -8.02
N GLU A 287 -16.68 19.19 -7.49
CA GLU A 287 -16.52 20.48 -6.78
C GLU A 287 -15.69 20.28 -5.52
N PHE A 288 -15.91 19.18 -4.81
CA PHE A 288 -15.16 18.89 -3.58
C PHE A 288 -13.67 18.57 -3.78
N THR A 289 -13.34 17.78 -4.81
CA THR A 289 -11.94 17.35 -5.00
C THR A 289 -10.99 18.51 -5.36
N LYS A 290 -11.54 19.57 -5.95
CA LYS A 290 -10.80 20.83 -6.14
C LYS A 290 -10.25 21.42 -4.83
N THR A 291 -10.96 21.22 -3.73
CA THR A 291 -10.59 21.80 -2.43
C THR A 291 -9.57 21.00 -1.61
N ILE A 292 -9.31 19.73 -1.93
CA ILE A 292 -8.44 18.87 -1.08
C ILE A 292 -7.15 18.45 -1.80
N MET B 1 -12.10 7.78 6.95
CA MET B 1 -11.79 6.33 7.18
C MET B 1 -10.28 6.11 7.36
N GLU B 2 -9.87 5.85 8.60
CA GLU B 2 -8.50 5.47 8.93
C GLU B 2 -8.37 4.02 9.45
N THR B 3 -7.20 3.45 9.20
CA THR B 3 -6.88 2.06 9.51
C THR B 3 -5.37 1.99 9.74
N VAL B 4 -4.89 0.85 10.21
CA VAL B 4 -3.46 0.64 10.35
C VAL B 4 -2.90 0.32 8.94
N PRO B 5 -1.78 0.96 8.56
CA PRO B 5 -1.20 0.63 7.27
C PRO B 5 -0.74 -0.82 7.24
N TRP B 6 -0.81 -1.44 6.06
CA TRP B 6 -0.26 -2.75 5.87
C TRP B 6 1.24 -2.76 6.19
N PHE B 7 1.69 -3.83 6.84
CA PHE B 7 3.12 -4.03 7.06
C PHE B 7 3.51 -5.48 6.78
N PRO B 8 4.76 -5.69 6.37
CA PRO B 8 5.21 -7.06 6.10
C PRO B 8 5.27 -7.96 7.35
N LYS B 9 4.90 -9.20 7.14
CA LYS B 9 4.83 -10.22 8.19
C LYS B 9 5.90 -11.32 8.04
N LYS B 10 6.56 -11.36 6.88
CA LYS B 10 7.63 -12.32 6.61
C LYS B 10 8.50 -11.72 5.51
N ILE B 11 9.74 -12.17 5.45
CA ILE B 11 10.74 -11.61 4.53
C ILE B 11 10.27 -11.62 3.08
N SER B 12 9.53 -12.66 2.67
CA SER B 12 8.98 -12.73 1.31
C SER B 12 7.99 -11.61 0.99
N ASP B 13 7.29 -11.07 2.00
CA ASP B 13 6.38 -9.90 1.81
C ASP B 13 7.06 -8.66 1.24
N LEU B 14 8.40 -8.57 1.37
CA LEU B 14 9.19 -7.50 0.76
C LEU B 14 9.21 -7.52 -0.78
N ASP B 15 8.86 -8.65 -1.41
CA ASP B 15 8.72 -8.68 -2.89
C ASP B 15 7.84 -7.58 -3.46
N HIS B 16 6.80 -7.21 -2.73
CA HIS B 16 5.90 -6.14 -3.15
C HIS B 16 6.63 -4.80 -2.98
N CYS B 17 7.07 -4.58 -1.73
CA CYS B 17 7.79 -3.38 -1.30
C CYS B 17 8.85 -2.89 -2.27
N ALA B 18 9.69 -3.80 -2.73
CA ALA B 18 10.86 -3.44 -3.56
C ALA B 18 10.52 -2.76 -4.88
N ASN B 19 9.33 -3.02 -5.45
CA ASN B 19 8.91 -2.42 -6.73
C ASN B 19 8.19 -1.08 -6.62
N ARG B 20 7.87 -0.66 -5.39
CA ARG B 20 7.20 0.60 -5.14
C ARG B 20 8.25 1.74 -5.12
N VAL B 21 8.88 1.95 -6.26
CA VAL B 21 9.97 2.92 -6.40
C VAL B 21 9.40 4.31 -6.61
N LEU B 22 9.89 5.26 -5.84
CA LEU B 22 9.52 6.66 -5.98
C LEU B 22 10.22 7.25 -7.22
N MET B 23 9.42 7.70 -8.16
CA MET B 23 9.90 8.19 -9.48
CA MET B 23 9.92 8.20 -9.47
C MET B 23 10.17 9.66 -9.83
N TYR B 24 11.14 10.27 -10.47
CA TYR B 24 11.20 11.69 -10.50
C TYR B 24 10.09 12.09 -11.44
N GLY B 25 9.41 13.17 -11.12
CA GLY B 25 8.32 13.61 -11.95
C GLY B 25 7.02 13.11 -11.40
N SER B 26 7.08 12.16 -10.49
CA SER B 26 5.89 11.62 -9.88
C SER B 26 5.91 11.88 -8.39
N GLU B 27 6.45 10.96 -7.62
CA GLU B 27 6.51 11.15 -6.19
C GLU B 27 7.57 12.17 -5.79
N LEU B 28 8.63 12.25 -6.57
CA LEU B 28 9.77 13.16 -6.31
C LEU B 28 9.84 14.36 -7.28
N ASP B 29 10.15 15.53 -6.72
CA ASP B 29 10.31 16.80 -7.46
C ASP B 29 11.78 17.23 -7.52
N ASP B 37 21.69 13.18 -20.95
CA ASP B 37 22.81 12.26 -21.13
C ASP B 37 22.31 10.85 -21.42
N ASN B 38 22.10 10.55 -22.71
CA ASN B 38 21.63 9.24 -23.17
C ASN B 38 22.64 8.09 -22.96
N VAL B 39 23.89 8.42 -22.64
CA VAL B 39 24.82 7.42 -22.10
C VAL B 39 24.38 7.03 -20.69
N TYR B 40 24.21 8.04 -19.84
CA TYR B 40 23.84 7.83 -18.43
C TYR B 40 22.41 7.31 -18.29
N ARG B 41 21.46 8.02 -18.90
CA ARG B 41 20.03 7.67 -18.84
C ARG B 41 19.74 6.23 -19.29
N LYS B 42 20.38 5.81 -20.38
CA LYS B 42 20.20 4.44 -20.93
C LYS B 42 20.81 3.34 -20.05
N ARG B 43 22.01 3.57 -19.53
CA ARG B 43 22.67 2.62 -18.62
C ARG B 43 21.89 2.47 -17.30
N ARG B 44 21.29 3.57 -16.84
CA ARG B 44 20.39 3.56 -15.68
C ARG B 44 19.09 2.77 -15.93
N LYS B 45 18.54 2.90 -17.15
CA LYS B 45 17.40 2.09 -17.59
C LYS B 45 17.67 0.59 -17.42
N TYR B 46 18.87 0.14 -17.82
CA TYR B 46 19.29 -1.27 -17.67
C TYR B 46 19.40 -1.70 -16.19
N PHE B 47 19.86 -0.78 -15.34
CA PHE B 47 19.98 -1.06 -13.90
C PHE B 47 18.60 -1.13 -13.27
N ALA B 48 17.75 -0.16 -13.61
CA ALA B 48 16.36 -0.12 -13.14
C ALA B 48 15.65 -1.44 -13.41
N ASP B 49 15.75 -1.93 -14.64
CA ASP B 49 15.09 -3.19 -15.05
C ASP B 49 15.64 -4.45 -14.37
N LEU B 50 16.91 -4.40 -13.95
CA LEU B 50 17.51 -5.50 -13.18
C LEU B 50 16.89 -5.65 -11.79
N ALA B 51 16.66 -4.51 -11.12
CA ALA B 51 16.07 -4.50 -9.78
C ALA B 51 14.60 -4.89 -9.79
N MET B 52 13.84 -4.34 -10.73
CA MET B 52 12.38 -4.63 -10.82
C MET B 52 12.06 -6.12 -10.94
N ASN B 53 12.83 -6.85 -11.73
CA ASN B 53 12.62 -8.29 -11.95
C ASN B 53 12.92 -9.22 -10.75
N TYR B 54 13.74 -8.77 -9.80
CA TYR B 54 14.21 -9.62 -8.69
C TYR B 54 13.10 -10.11 -7.73
N LYS B 55 13.10 -11.42 -7.45
CA LYS B 55 12.22 -12.03 -6.45
C LYS B 55 13.04 -12.73 -5.36
N HIS B 56 12.51 -12.71 -4.13
CA HIS B 56 13.18 -13.27 -2.95
C HIS B 56 13.43 -14.78 -3.07
N PRO B 59 19.00 -15.11 -6.42
CA PRO B 59 20.38 -14.62 -6.54
C PRO B 59 20.43 -13.28 -7.25
N ILE B 60 21.22 -12.35 -6.72
CA ILE B 60 21.27 -10.99 -7.24
C ILE B 60 22.18 -10.96 -8.48
N PRO B 61 21.66 -10.46 -9.63
CA PRO B 61 22.49 -10.31 -10.84
C PRO B 61 23.83 -9.57 -10.63
N LYS B 62 24.83 -9.94 -11.42
CA LYS B 62 26.17 -9.33 -11.39
C LYS B 62 26.37 -8.46 -12.64
N VAL B 63 26.60 -7.16 -12.46
CA VAL B 63 26.89 -6.25 -13.58
C VAL B 63 28.34 -6.41 -14.06
N LYS B 71 36.46 2.81 -12.54
CA LYS B 71 36.62 4.06 -13.28
C LYS B 71 36.26 5.25 -12.37
N THR B 72 34.97 5.62 -12.32
CA THR B 72 34.48 6.53 -11.27
C THR B 72 34.57 5.84 -9.90
N TRP B 73 34.34 4.52 -9.88
CA TRP B 73 34.54 3.68 -8.69
C TRP B 73 35.94 3.78 -8.13
N GLY B 74 36.95 3.70 -9.00
CA GLY B 74 38.36 3.80 -8.62
C GLY B 74 38.68 5.13 -7.94
N THR B 75 38.31 6.21 -8.61
CA THR B 75 38.45 7.57 -8.07
C THR B 75 37.75 7.77 -6.72
N VAL B 76 36.55 7.19 -6.58
CA VAL B 76 35.80 7.25 -5.31
C VAL B 76 36.42 6.36 -4.23
N PHE B 77 36.82 5.14 -4.60
CA PHE B 77 37.40 4.17 -3.67
C PHE B 77 38.79 4.60 -3.15
N GLN B 78 39.65 5.05 -4.07
CA GLN B 78 41.01 5.46 -3.72
C GLN B 78 41.01 6.66 -2.78
N GLU B 79 40.40 7.75 -3.22
CA GLU B 79 40.36 9.01 -2.45
C GLU B 79 39.67 8.88 -1.10
N LEU B 80 38.69 7.98 -1.00
CA LEU B 80 38.01 7.70 0.27
C LEU B 80 38.97 7.01 1.24
N ASN B 81 39.60 5.93 0.78
CA ASN B 81 40.53 5.14 1.62
C ASN B 81 41.75 5.92 2.15
N LYS B 82 42.09 7.03 1.49
CA LYS B 82 43.12 7.97 2.00
C LYS B 82 42.57 8.92 3.07
N LEU B 83 41.34 9.35 2.92
CA LEU B 83 40.80 10.25 3.93
C LEU B 83 40.06 9.44 4.97
N TYR B 84 39.84 8.17 4.67
CA TYR B 84 39.10 7.30 5.56
C TYR B 84 39.85 6.98 6.83
N PRO B 85 41.20 6.75 6.66
CA PRO B 85 41.94 6.42 7.89
C PRO B 85 41.77 7.40 9.06
N THR B 86 41.63 8.66 8.74
CA THR B 86 41.48 9.73 9.73
C THR B 86 40.02 10.10 10.10
N HIS B 87 39.13 10.06 9.11
CA HIS B 87 37.72 10.44 9.32
C HIS B 87 36.76 9.34 9.79
N ALA B 88 37.04 8.09 9.50
CA ALA B 88 36.14 7.01 9.88
C ALA B 88 36.16 6.55 11.34
N CYS B 89 34.97 6.31 11.90
CA CYS B 89 34.85 5.84 13.28
C CYS B 89 35.50 4.51 13.40
N ARG B 90 35.68 4.06 14.64
CA ARG B 90 36.36 2.80 15.01
C ARG B 90 35.67 1.56 14.43
N GLU B 91 34.35 1.47 14.63
CA GLU B 91 33.56 0.30 14.22
C GLU B 91 33.62 0.04 12.71
N TYR B 92 33.62 1.11 11.91
CA TYR B 92 33.77 1.03 10.45
C TYR B 92 35.13 0.45 10.05
N LEU B 93 36.19 1.06 10.59
CA LEU B 93 37.57 0.62 10.39
C LEU B 93 37.79 -0.85 10.82
N LYS B 94 37.14 -1.25 11.90
CA LYS B 94 37.15 -2.64 12.39
C LYS B 94 36.70 -3.64 11.31
N ASN B 95 35.55 -3.37 10.69
CA ASN B 95 34.95 -4.32 9.75
C ASN B 95 35.48 -4.25 8.32
N LEU B 96 35.87 -3.06 7.86
CA LEU B 96 36.27 -2.88 6.45
C LEU B 96 37.32 -3.87 5.93
N PRO B 97 38.40 -4.12 6.70
CA PRO B 97 39.48 -5.00 6.24
C PRO B 97 39.02 -6.27 5.50
N LEU B 98 38.15 -7.05 6.14
CA LEU B 98 37.68 -8.33 5.58
C LEU B 98 37.12 -8.20 4.15
N LEU B 99 36.24 -7.21 3.96
CA LEU B 99 35.44 -7.07 2.73
C LEU B 99 36.18 -7.38 1.41
N LEU B 113 26.55 -7.15 -5.79
CA LEU B 113 25.80 -7.17 -4.53
C LEU B 113 25.61 -8.58 -3.94
N GLU B 114 25.63 -9.61 -4.80
CA GLU B 114 25.44 -11.01 -4.35
C GLU B 114 26.53 -11.46 -3.36
N ASP B 115 27.79 -11.23 -3.72
CA ASP B 115 28.92 -11.59 -2.86
C ASP B 115 28.82 -10.85 -1.54
N VAL B 116 28.59 -9.55 -1.65
CA VAL B 116 28.46 -8.66 -0.49
C VAL B 116 27.27 -9.07 0.41
N SER B 117 26.20 -9.51 -0.21
CA SER B 117 25.03 -9.94 0.52
C SER B 117 25.28 -11.29 1.14
N ASN B 118 25.77 -12.20 0.31
CA ASN B 118 26.06 -13.55 0.73
C ASN B 118 26.98 -13.47 1.92
N PHE B 119 27.92 -12.56 1.84
CA PHE B 119 28.89 -12.34 2.89
C PHE B 119 28.26 -11.76 4.11
N LEU B 120 27.54 -10.67 3.99
CA LEU B 120 26.93 -10.06 5.16
C LEU B 120 26.00 -11.01 5.89
N LYS B 121 25.47 -11.98 5.20
CA LYS B 121 24.53 -12.90 5.80
C LYS B 121 25.02 -13.70 7.01
N GLU B 122 26.29 -14.07 7.01
CA GLU B 122 26.89 -14.82 8.12
C GLU B 122 27.30 -13.91 9.25
N ARG B 123 27.73 -12.72 8.89
CA ARG B 123 28.18 -11.79 9.89
C ARG B 123 27.09 -11.32 10.82
N THR B 124 26.02 -10.73 10.30
CA THR B 124 24.95 -10.28 11.18
C THR B 124 23.62 -10.74 10.66
N GLY B 125 23.64 -11.42 9.53
CA GLY B 125 22.40 -11.93 8.97
C GLY B 125 21.53 -10.83 8.39
N PHE B 126 22.16 -9.97 7.63
CA PHE B 126 21.52 -8.88 6.98
C PHE B 126 21.68 -9.31 5.58
N SER B 127 20.67 -9.10 4.78
CA SER B 127 20.71 -9.47 3.40
C SER B 127 20.47 -8.25 2.59
N ILE B 128 20.74 -8.36 1.32
CA ILE B 128 20.52 -7.28 0.38
C ILE B 128 19.57 -7.74 -0.71
N ARG B 129 18.72 -6.83 -1.18
CA ARG B 129 18.09 -7.00 -2.48
C ARG B 129 18.27 -5.71 -3.25
N PRO B 130 18.34 -5.79 -4.59
CA PRO B 130 18.55 -4.58 -5.37
C PRO B 130 17.31 -3.69 -5.35
N VAL B 131 17.46 -2.46 -5.83
CA VAL B 131 16.34 -1.53 -5.89
C VAL B 131 16.65 -0.44 -6.91
N ALA B 132 15.63 -0.04 -7.66
CA ALA B 132 15.82 0.88 -8.79
C ALA B 132 16.09 2.31 -8.33
N GLY B 133 15.65 2.63 -7.11
CA GLY B 133 15.79 3.95 -6.57
C GLY B 133 15.25 3.97 -5.15
N TYR B 134 14.80 5.14 -4.72
CA TYR B 134 14.20 5.29 -3.40
C TYR B 134 12.90 4.47 -3.28
N LEU B 135 12.67 3.90 -2.11
CA LEU B 135 11.38 3.41 -1.68
C LEU B 135 10.84 4.42 -0.70
N SER B 136 9.57 4.31 -0.32
CA SER B 136 9.04 5.19 0.70
C SER B 136 9.82 4.93 2.03
N PRO B 137 9.90 5.94 2.90
CA PRO B 137 10.49 5.68 4.21
C PRO B 137 9.91 4.43 4.90
N ARG B 138 8.58 4.29 4.91
CA ARG B 138 7.93 3.12 5.47
C ARG B 138 8.42 1.81 4.88
N ASP B 139 8.46 1.70 3.56
CA ASP B 139 8.85 0.45 2.92
C ASP B 139 10.34 0.12 3.20
N PHE B 140 11.21 1.14 3.14
CA PHE B 140 12.64 0.93 3.36
C PHE B 140 12.93 0.49 4.80
N LEU B 141 12.34 1.19 5.76
CA LEU B 141 12.47 0.83 7.16
C LEU B 141 11.84 -0.54 7.45
N SER B 142 10.71 -0.87 6.82
CA SER B 142 10.09 -2.19 6.99
C SER B 142 11.06 -3.32 6.64
N GLY B 143 11.89 -3.08 5.64
CA GLY B 143 12.96 -4.00 5.24
C GLY B 143 13.94 -4.30 6.37
N LEU B 144 14.31 -3.25 7.14
CA LEU B 144 15.29 -3.37 8.23
C LEU B 144 14.74 -4.16 9.41
N ALA B 145 13.42 -4.17 9.59
CA ALA B 145 12.79 -5.02 10.59
C ALA B 145 13.11 -6.50 10.40
N PHE B 146 13.30 -6.93 9.14
CA PHE B 146 13.68 -8.33 8.80
C PHE B 146 15.15 -8.44 8.43
N ARG B 147 15.94 -7.45 8.86
CA ARG B 147 17.32 -7.30 8.47
C ARG B 147 17.60 -7.41 6.96
N VAL B 148 16.74 -6.81 6.13
CA VAL B 148 17.02 -6.68 4.69
C VAL B 148 17.39 -5.23 4.39
N PHE B 149 18.46 -5.01 3.63
CA PHE B 149 18.84 -3.68 3.18
C PHE B 149 18.70 -3.63 1.66
N HIS B 150 17.84 -2.74 1.15
CA HIS B 150 17.67 -2.55 -0.29
C HIS B 150 18.81 -1.67 -0.84
N CYS B 151 19.50 -2.12 -1.89
CA CYS B 151 20.68 -1.42 -2.45
C CYS B 151 20.58 -1.09 -3.94
N THR B 152 20.92 0.14 -4.31
CA THR B 152 21.12 0.50 -5.71
C THR B 152 22.39 -0.17 -6.28
N GLN B 153 22.37 -0.44 -7.58
CA GLN B 153 23.41 -1.21 -8.27
C GLN B 153 24.11 -0.41 -9.40
N TYR B 154 23.85 0.89 -9.47
CA TYR B 154 24.39 1.78 -10.51
C TYR B 154 25.44 2.72 -9.93
N VAL B 155 26.28 3.27 -10.81
CA VAL B 155 27.31 4.23 -10.42
C VAL B 155 26.85 5.66 -10.71
N ARG B 156 27.21 6.57 -9.80
CA ARG B 156 26.99 8.02 -10.00
C ARG B 156 27.65 8.54 -11.27
N HIS B 157 27.09 9.60 -11.82
CA HIS B 157 27.68 10.27 -12.99
C HIS B 157 29.07 10.80 -12.60
N SER B 158 30.07 10.56 -13.45
CA SER B 158 31.48 10.79 -13.08
C SER B 158 31.93 12.26 -13.05
N SER B 159 31.06 13.20 -13.42
CA SER B 159 31.34 14.64 -13.33
C SER B 159 31.50 15.18 -11.90
N ASP B 160 31.12 14.40 -10.88
CA ASP B 160 31.39 14.75 -9.48
C ASP B 160 31.37 13.52 -8.55
N PRO B 161 32.49 12.77 -8.50
CA PRO B 161 32.61 11.69 -7.52
C PRO B 161 32.90 12.20 -6.10
N PHE B 162 33.13 13.51 -5.96
CA PHE B 162 33.13 14.18 -4.67
C PHE B 162 31.82 13.97 -3.93
N TYR B 163 30.72 14.29 -4.61
CA TYR B 163 29.37 14.21 -4.01
C TYR B 163 28.32 14.07 -5.10
N THR B 164 27.31 13.24 -4.83
CA THR B 164 26.16 13.05 -5.72
C THR B 164 24.86 13.26 -4.91
N PRO B 165 23.81 13.83 -5.55
CA PRO B 165 22.57 14.11 -4.83
C PRO B 165 21.61 12.90 -4.75
N GLU B 166 21.97 11.82 -5.45
CA GLU B 166 21.18 10.61 -5.52
C GLU B 166 22.06 9.44 -5.08
N PRO B 167 21.55 8.54 -4.21
CA PRO B 167 22.37 7.40 -3.80
C PRO B 167 22.68 6.44 -4.93
N ASP B 168 23.90 5.91 -4.93
CA ASP B 168 24.37 4.97 -5.96
C ASP B 168 25.01 3.75 -5.30
N THR B 169 25.53 2.81 -6.10
CA THR B 169 26.11 1.58 -5.55
C THR B 169 27.46 1.82 -4.82
N CYS B 170 28.19 2.88 -5.18
CA CYS B 170 29.34 3.32 -4.37
C CYS B 170 28.89 3.56 -2.94
N HIS B 171 27.84 4.35 -2.81
CA HIS B 171 27.27 4.69 -1.51
C HIS B 171 26.78 3.48 -0.71
N GLU B 172 26.23 2.49 -1.38
CA GLU B 172 25.75 1.30 -0.66
C GLU B 172 26.95 0.52 -0.14
N LEU B 173 27.91 0.25 -1.04
CA LEU B 173 29.05 -0.60 -0.71
C LEU B 173 29.98 0.01 0.33
N LEU B 174 30.42 1.24 0.07
CA LEU B 174 31.38 1.93 0.95
C LEU B 174 30.70 2.62 2.12
N GLY B 175 29.44 3.03 1.96
CA GLY B 175 28.74 3.76 3.02
C GLY B 175 28.08 2.86 4.03
N HIS B 176 27.42 1.80 3.56
CA HIS B 176 26.45 1.05 4.38
C HIS B 176 26.91 -0.32 4.87
N VAL B 177 27.43 -1.14 3.97
CA VAL B 177 27.75 -2.53 4.28
C VAL B 177 28.67 -2.72 5.51
N PRO B 178 29.80 -1.98 5.59
CA PRO B 178 30.68 -2.02 6.78
C PRO B 178 30.00 -1.95 8.15
N LEU B 179 29.15 -0.95 8.40
CA LEU B 179 28.41 -0.87 9.68
C LEU B 179 27.35 -1.96 9.83
N LEU B 180 26.82 -2.47 8.72
CA LEU B 180 25.87 -3.60 8.75
C LEU B 180 26.51 -4.92 9.22
N ALA B 181 27.83 -5.05 9.05
CA ALA B 181 28.59 -6.19 9.60
C ALA B 181 28.93 -6.07 11.09
N GLU B 182 28.65 -4.93 11.72
CA GLU B 182 28.84 -4.73 13.16
C GLU B 182 27.51 -4.93 13.92
N PRO B 183 27.36 -6.05 14.66
CA PRO B 183 26.13 -6.38 15.40
C PRO B 183 25.49 -5.23 16.19
N SER B 184 26.32 -4.35 16.76
CA SER B 184 25.84 -3.14 17.43
C SER B 184 24.98 -2.26 16.51
N PHE B 185 25.50 -1.95 15.32
CA PHE B 185 24.81 -1.12 14.33
C PHE B 185 23.65 -1.90 13.71
N ALA B 186 23.90 -3.16 13.37
CA ALA B 186 22.87 -4.08 12.87
C ALA B 186 21.59 -4.15 13.71
N GLN B 187 21.73 -4.30 15.03
CA GLN B 187 20.57 -4.34 15.96
C GLN B 187 19.92 -2.95 16.19
N PHE B 188 20.74 -1.90 16.12
CA PHE B 188 20.23 -0.51 16.12
C PHE B 188 19.33 -0.28 14.89
N SER B 189 19.83 -0.70 13.73
CA SER B 189 19.09 -0.67 12.47
C SER B 189 17.75 -1.41 12.50
N GLN B 190 17.76 -2.67 12.94
CA GLN B 190 16.53 -3.48 12.99
C GLN B 190 15.47 -2.90 13.92
N GLU B 191 15.88 -2.36 15.06
CA GLU B 191 14.92 -1.82 16.02
C GLU B 191 14.21 -0.58 15.49
N ILE B 192 14.87 0.17 14.61
CA ILE B 192 14.24 1.31 13.94
C ILE B 192 13.16 0.76 12.99
N GLY B 193 13.51 -0.25 12.21
CA GLY B 193 12.57 -0.98 11.36
C GLY B 193 11.41 -1.55 12.13
N LEU B 194 11.70 -2.26 13.23
CA LEU B 194 10.65 -2.88 14.03
C LEU B 194 9.71 -1.83 14.57
N ALA B 195 10.25 -0.72 15.04
CA ALA B 195 9.46 0.41 15.51
C ALA B 195 8.53 0.96 14.41
N SER B 196 9.04 0.99 13.17
CA SER B 196 8.26 1.53 12.04
C SER B 196 7.05 0.69 11.66
N LEU B 197 7.11 -0.63 11.90
CA LEU B 197 6.07 -1.57 11.44
C LEU B 197 4.67 -1.24 11.90
N GLY B 198 3.81 -0.93 10.94
CA GLY B 198 2.43 -0.56 11.23
C GLY B 198 2.26 0.72 12.03
N ALA B 199 3.32 1.51 12.14
CA ALA B 199 3.29 2.73 12.96
C ALA B 199 2.58 3.79 12.17
N SER B 200 2.17 4.85 12.86
CA SER B 200 1.59 6.03 12.20
C SER B 200 2.58 6.76 11.27
N GLU B 201 2.05 7.62 10.42
CA GLU B 201 2.84 8.48 9.52
C GLU B 201 3.77 9.36 10.31
N GLU B 202 3.21 10.08 11.28
CA GLU B 202 4.01 10.89 12.21
C GLU B 202 5.19 10.09 12.71
N ALA B 203 4.90 8.92 13.29
CA ALA B 203 5.95 8.05 13.82
C ALA B 203 6.97 7.64 12.75
N VAL B 204 6.49 7.29 11.56
CA VAL B 204 7.39 6.88 10.47
C VAL B 204 8.28 8.06 10.02
N GLN B 205 7.67 9.22 9.83
CA GLN B 205 8.38 10.43 9.41
C GLN B 205 9.49 10.76 10.39
N LYS B 206 9.15 10.73 11.68
CA LYS B 206 10.10 10.92 12.77
C LYS B 206 11.22 9.88 12.84
N LEU B 207 10.85 8.60 12.74
CA LEU B 207 11.86 7.52 12.71
C LEU B 207 12.79 7.62 11.52
N ALA B 208 12.23 7.98 10.36
CA ALA B 208 13.04 8.17 9.15
C ALA B 208 14.06 9.30 9.33
N THR B 209 13.63 10.38 9.97
CA THR B 209 14.49 11.54 10.22
C THR B 209 15.65 11.14 11.13
N CYS B 210 15.32 10.56 12.28
CA CYS B 210 16.33 10.03 13.23
C CYS B 210 17.31 9.08 12.53
N TYR B 211 16.80 8.24 11.62
CA TYR B 211 17.62 7.36 10.81
C TYR B 211 18.55 8.16 9.90
N PHE B 212 17.98 9.15 9.22
CA PHE B 212 18.75 10.04 8.33
C PHE B 212 19.93 10.70 9.05
N PHE B 213 19.69 11.22 10.25
CA PHE B 213 20.70 11.95 11.04
C PHE B 213 21.59 11.07 11.95
N THR B 214 21.33 9.76 11.97
CA THR B 214 22.22 8.79 12.58
C THR B 214 22.80 7.92 11.50
N VAL B 215 22.00 6.97 10.99
CA VAL B 215 22.48 5.95 10.06
C VAL B 215 23.06 6.56 8.79
N GLU B 216 22.45 7.63 8.26
CA GLU B 216 22.88 8.16 6.96
C GLU B 216 23.94 9.28 7.04
N PHE B 217 23.82 10.17 8.03
CA PHE B 217 24.70 11.36 8.15
C PHE B 217 25.21 11.62 9.59
N GLY B 218 25.24 10.58 10.43
CA GLY B 218 25.52 10.74 11.87
C GLY B 218 26.98 10.81 12.31
N LEU B 219 27.18 11.39 13.49
CA LEU B 219 28.49 11.49 14.14
C LEU B 219 28.35 10.93 15.56
N CYS B 220 29.37 10.18 15.99
CA CYS B 220 29.38 9.48 17.29
C CYS B 220 30.20 10.21 18.34
N ARG B 227 34.45 11.67 15.06
CA ARG B 227 34.45 10.68 13.99
C ARG B 227 33.04 10.43 13.40
N VAL B 228 33.00 9.96 12.16
CA VAL B 228 31.75 9.81 11.40
C VAL B 228 31.29 8.35 11.28
N PHE B 229 30.01 8.10 11.49
CA PHE B 229 29.39 6.79 11.19
C PHE B 229 28.28 6.81 10.11
N GLY B 230 27.92 8.00 9.62
CA GLY B 230 26.91 8.15 8.58
C GLY B 230 27.35 7.65 7.23
N ALA B 231 26.51 6.83 6.60
CA ALA B 231 26.80 6.18 5.31
C ALA B 231 26.91 7.15 4.14
N GLY B 232 26.09 8.18 4.16
CA GLY B 232 26.10 9.21 3.12
C GLY B 232 27.33 10.11 3.18
N LEU B 233 27.85 10.29 4.38
CA LEU B 233 29.15 10.95 4.59
C LEU B 233 30.27 10.02 4.14
N LEU B 234 30.20 8.75 4.57
CA LEU B 234 31.22 7.75 4.20
C LEU B 234 31.45 7.49 2.71
N SER B 235 30.53 7.93 1.85
CA SER B 235 30.67 7.78 0.40
C SER B 235 30.86 9.08 -0.37
N SER B 236 30.85 10.23 0.32
CA SER B 236 31.14 11.54 -0.29
C SER B 236 32.52 12.03 0.15
N ILE B 237 33.46 12.07 -0.78
CA ILE B 237 34.85 12.52 -0.49
C ILE B 237 34.84 13.91 0.15
N SER B 238 34.21 14.86 -0.52
CA SER B 238 34.11 16.24 -0.02
C SER B 238 33.29 16.36 1.27
N GLU B 239 32.13 15.73 1.32
CA GLU B 239 31.25 15.85 2.49
C GLU B 239 31.80 15.10 3.69
N LEU B 240 32.58 14.05 3.43
CA LEU B 240 33.32 13.35 4.50
C LEU B 240 34.28 14.34 5.16
N LYS B 241 35.12 14.98 4.34
CA LYS B 241 36.07 16.00 4.79
C LYS B 241 35.36 17.17 5.48
N HIS B 242 34.29 17.66 4.83
CA HIS B 242 33.46 18.75 5.35
C HIS B 242 32.83 18.48 6.73
N ALA B 243 32.46 17.22 6.98
CA ALA B 243 31.66 16.86 8.17
C ALA B 243 32.42 16.97 9.49
N LEU B 244 33.75 16.89 9.46
CA LEU B 244 34.57 17.06 10.67
C LEU B 244 35.28 18.42 10.80
N SER B 245 35.17 19.26 9.76
CA SER B 245 35.70 20.62 9.79
C SER B 245 34.57 21.62 10.08
N LYS B 249 27.56 23.54 11.67
CA LYS B 249 27.04 23.43 13.02
C LYS B 249 26.83 21.97 13.40
N VAL B 250 26.91 21.67 14.70
CA VAL B 250 26.63 20.33 15.23
C VAL B 250 25.62 20.40 16.37
N LYS B 251 25.19 19.23 16.84
CA LYS B 251 24.43 19.11 18.07
C LYS B 251 24.59 17.70 18.62
N PRO B 252 24.19 17.48 19.88
CA PRO B 252 24.09 16.10 20.36
C PRO B 252 22.83 15.47 19.78
N PHE B 253 22.91 14.22 19.36
CA PHE B 253 21.72 13.53 18.90
C PHE B 253 20.73 13.38 20.05
N ASP B 254 19.54 13.92 19.84
CA ASP B 254 18.42 13.76 20.76
C ASP B 254 17.15 13.58 19.91
N PRO B 255 16.54 12.37 19.94
CA PRO B 255 15.38 12.04 19.10
C PRO B 255 14.30 13.13 19.02
N LYS B 256 13.81 13.58 20.17
CA LYS B 256 12.76 14.61 20.24
C LYS B 256 13.09 15.87 19.43
N ILE B 257 14.36 16.26 19.43
CA ILE B 257 14.83 17.45 18.71
C ILE B 257 15.24 17.12 17.27
N THR B 258 16.03 16.07 17.10
CA THR B 258 16.55 15.68 15.77
C THR B 258 15.44 15.35 14.76
N CYS B 259 14.33 14.78 15.22
CA CYS B 259 13.24 14.36 14.35
C CYS B 259 12.47 15.51 13.67
N LYS B 260 12.58 16.73 14.22
CA LYS B 260 11.99 17.95 13.61
C LYS B 260 12.85 18.52 12.48
N GLN B 261 14.14 18.24 12.52
CA GLN B 261 15.13 18.78 11.57
C GLN B 261 14.89 18.34 10.13
N GLU B 262 14.96 19.30 9.20
CA GLU B 262 14.75 19.04 7.77
C GLU B 262 15.92 18.27 7.15
N CYS B 263 15.62 17.17 6.48
CA CYS B 263 16.62 16.36 5.78
C CYS B 263 16.89 16.99 4.41
N LEU B 264 18.12 17.43 4.19
CA LEU B 264 18.53 17.96 2.87
C LEU B 264 19.08 16.81 2.03
N ILE B 265 18.60 16.71 0.80
CA ILE B 265 18.86 15.56 -0.08
C ILE B 265 19.99 15.81 -1.07
N THR B 266 19.99 17.04 -1.61
CA THR B 266 20.83 17.46 -2.73
C THR B 266 21.16 18.94 -2.53
N THR B 267 21.53 19.40 -1.34
CA THR B 267 22.90 19.53 -0.84
C THR B 267 23.54 18.66 0.25
N PHE B 268 24.74 19.11 0.66
CA PHE B 268 25.31 18.87 1.98
C PHE B 268 24.34 19.26 3.08
N GLN B 269 24.51 18.66 4.25
CA GLN B 269 23.71 19.00 5.43
C GLN B 269 24.17 20.34 6.01
N ASP B 270 23.23 21.07 6.59
CA ASP B 270 23.54 22.29 7.36
C ASP B 270 23.83 21.97 8.83
N VAL B 271 23.36 20.81 9.30
CA VAL B 271 23.62 20.34 10.67
C VAL B 271 23.98 18.86 10.66
N TYR B 272 24.81 18.47 11.63
CA TYR B 272 25.11 17.07 11.89
C TYR B 272 24.80 16.78 13.36
N PHE B 273 24.56 15.52 13.67
CA PHE B 273 24.24 15.08 15.03
C PHE B 273 25.18 13.96 15.43
N PHE B 278 26.99 3.82 19.54
CA PHE B 278 25.72 3.27 19.08
C PHE B 278 24.83 2.80 20.23
N GLU B 279 25.43 2.35 21.33
CA GLU B 279 24.67 1.91 22.51
C GLU B 279 23.88 3.05 23.13
N ASP B 280 24.44 4.25 23.08
CA ASP B 280 23.74 5.48 23.49
C ASP B 280 22.58 5.82 22.54
N ALA B 281 22.83 5.72 21.23
CA ALA B 281 21.80 5.99 20.22
C ALA B 281 20.63 5.02 20.34
N LYS B 282 20.95 3.71 20.42
CA LYS B 282 19.95 2.63 20.52
C LYS B 282 19.08 2.73 21.77
N GLU B 283 19.67 3.16 22.88
CA GLU B 283 18.93 3.41 24.12
C GLU B 283 17.99 4.60 23.97
N LYS B 284 18.51 5.68 23.38
CA LYS B 284 17.73 6.90 23.13
C LYS B 284 16.50 6.62 22.25
N MET B 285 16.71 5.91 21.13
CA MET B 285 15.61 5.51 20.23
C MET B 285 14.61 4.57 20.90
N ARG B 286 15.12 3.61 21.68
CA ARG B 286 14.27 2.64 22.39
C ARG B 286 13.23 3.35 23.25
N GLU B 287 13.68 4.33 24.03
CA GLU B 287 12.80 5.16 24.87
C GLU B 287 11.91 6.08 24.02
N PHE B 288 12.50 6.66 22.98
CA PHE B 288 11.78 7.53 22.03
C PHE B 288 10.61 6.81 21.35
N THR B 289 10.85 5.56 20.96
CA THR B 289 9.84 4.71 20.35
C THR B 289 8.59 4.54 21.23
N LYS B 290 8.76 4.51 22.55
CA LYS B 290 7.64 4.42 23.49
C LYS B 290 7.14 5.82 23.87
#